data_2K65
#
_entry.id   2K65
#
loop_
_entity.id
_entity.type
_entity.pdbx_description
1 polymer "5'-R(*GP*GP*CP*AP*CP*UP*G)-3'"
2 polymer "5'-R(*CP*AP*GP*UP*GP*UP*C)-3'"
#
loop_
_entity_poly.entity_id
_entity_poly.type
_entity_poly.pdbx_seq_one_letter_code
_entity_poly.pdbx_strand_id
1 'polyribonucleotide' GGCACUG A
2 'polyribonucleotide' CAGUGUC B
#
loop_
_chem_comp.id
_chem_comp.type
_chem_comp.name
_chem_comp.formula
A RNA linking ADENOSINE-5'-MONOPHOSPHATE 'C10 H14 N5 O7 P'
C RNA linking CYTIDINE-5'-MONOPHOSPHATE 'C9 H14 N3 O8 P'
G RNA linking GUANOSINE-5'-MONOPHOSPHATE 'C10 H14 N5 O8 P'
U RNA linking URIDINE-5'-MONOPHOSPHATE 'C9 H13 N2 O9 P'
#